data_5MAT
#
_entry.id   5MAT
#
_cell.length_a   59.683
_cell.length_b   68.560
_cell.length_c   78.462
_cell.angle_alpha   90.000
_cell.angle_beta   95.660
_cell.angle_gamma   90.000
#
_symmetry.space_group_name_H-M   'P 1 21 1'
#
loop_
_entity.id
_entity.type
_entity.pdbx_description
1 polymer 'NAD-dependent protein deacetylase sirtuin-2'
2 non-polymer 'ZINC ION'
3 non-polymer (7~{R})-7-[(3,5-dimethyl-1,2-oxazol-4-yl)methylamino]-3-[(4-methoxynaphthalen-1-yl)methyl]-5,6,7,8-tetrahydro-[1]benzothiolo[2,3-d]pyrimidin-4-one
4 non-polymer 'SULFATE ION'
5 non-polymer 'TETRAETHYLENE GLYCOL'
6 non-polymer 'HEXAETHYLENE GLYCOL'
7 water water
#
_entity_poly.entity_id   1
_entity_poly.type   'polypeptide(L)'
_entity_poly.pdbx_seq_one_letter_code
;HMERLLDELTLEGVARYMQSERCRRVICLVGAGISTSAGIPDFRSPSTGLYDNLEKYHLPYPEAIFEISYFKKHPEPFFA
LAKELYPGQFKPTICHYFMRLLKDKGLLLRCYTQNIDTLERIAGLEQEDLVEAHGTFYTSHCVSASCRHEYPLSWMKEKI
FSEVTPKCEDCQSLVKPDIVFFGESLPARFFSCMQSDFLKVDLLLVMGTSLQVQPFASLISKAPLSTPRLLINKEKAGQS
DPFLGMIMGLGGGMDFDSKKAYRDVAWLGECDQGCLALAELLGWKKELEDLVRREHASIDAQS
;
_entity_poly.pdbx_strand_id   A,C
#
# COMPACT_ATOMS: atom_id res chain seq x y z
N MET A 2 21.23 -25.85 30.82
CA MET A 2 20.33 -24.76 30.44
C MET A 2 21.09 -23.45 30.29
N GLU A 3 21.03 -22.87 29.09
CA GLU A 3 21.66 -21.60 28.79
C GLU A 3 20.60 -20.50 28.88
N ARG A 4 20.85 -19.50 29.73
CA ARG A 4 19.96 -18.36 29.87
C ARG A 4 20.53 -17.19 29.09
N LEU A 5 19.83 -16.78 28.02
CA LEU A 5 20.30 -15.72 27.15
C LEU A 5 19.73 -14.35 27.49
N LEU A 6 18.60 -14.30 28.21
CA LEU A 6 18.05 -13.03 28.66
C LEU A 6 18.68 -12.62 29.99
N ASP A 7 18.95 -11.32 30.13
CA ASP A 7 19.46 -10.82 31.41
C ASP A 7 18.34 -10.62 32.43
N GLU A 8 17.10 -10.49 31.98
CA GLU A 8 15.96 -10.43 32.88
C GLU A 8 14.72 -10.78 32.07
N LEU A 9 13.74 -11.40 32.74
CA LEU A 9 12.54 -11.92 32.09
C LEU A 9 11.50 -10.82 31.96
N THR A 10 11.82 -9.84 31.13
CA THR A 10 10.98 -8.69 30.90
C THR A 10 11.11 -8.28 29.44
N LEU A 11 10.23 -7.35 29.04
CA LEU A 11 10.33 -6.79 27.70
C LEU A 11 11.67 -6.11 27.49
N GLU A 12 12.17 -5.41 28.52
CA GLU A 12 13.48 -4.75 28.45
C GLU A 12 14.59 -5.77 28.22
N GLY A 13 14.51 -6.94 28.88
CA GLY A 13 15.50 -7.97 28.66
C GLY A 13 15.46 -8.52 27.25
N VAL A 14 14.25 -8.70 26.69
CA VAL A 14 14.14 -9.18 25.32
C VAL A 14 14.70 -8.15 24.34
N ALA A 15 14.40 -6.88 24.56
CA ALA A 15 14.89 -5.83 23.67
C ALA A 15 16.41 -5.76 23.66
N ARG A 16 17.05 -5.91 24.83
CA ARG A 16 18.50 -5.96 24.87
C ARG A 16 19.03 -7.19 24.13
N TYR A 17 18.37 -8.32 24.29
CA TYR A 17 18.78 -9.53 23.57
C TYR A 17 18.68 -9.33 22.07
N MET A 18 17.57 -8.73 21.60
CA MET A 18 17.37 -8.51 20.16
C MET A 18 18.47 -7.63 19.57
N GLN A 19 19.05 -6.75 20.37
CA GLN A 19 20.10 -5.88 19.87
C GLN A 19 21.47 -6.53 19.93
N SER A 20 21.56 -7.73 20.51
CA SER A 20 22.82 -8.46 20.59
C SER A 20 23.07 -9.22 19.29
N GLU A 21 24.35 -9.52 19.06
CA GLU A 21 24.73 -10.29 17.88
C GLU A 21 24.10 -11.68 17.89
N ARG A 22 23.87 -12.24 19.08
CA ARG A 22 23.30 -13.58 19.18
C ARG A 22 21.93 -13.66 18.50
N CYS A 23 21.12 -12.60 18.58
CA CYS A 23 19.76 -12.65 18.04
C CYS A 23 19.77 -12.20 16.59
N ARG A 24 19.92 -13.16 15.68
CA ARG A 24 19.91 -12.92 14.24
C ARG A 24 18.62 -13.33 13.55
N ARG A 25 17.93 -14.36 14.04
CA ARG A 25 16.79 -14.94 13.34
C ARG A 25 15.58 -14.98 14.26
N VAL A 26 14.60 -14.13 13.96
CA VAL A 26 13.36 -14.04 14.73
C VAL A 26 12.26 -14.69 13.91
N ILE A 27 11.49 -15.55 14.57
CA ILE A 27 10.24 -16.09 14.03
C ILE A 27 9.09 -15.45 14.78
N CYS A 28 8.11 -14.95 14.03
CA CYS A 28 6.84 -14.53 14.60
C CYS A 28 5.81 -15.63 14.43
N LEU A 29 5.06 -15.89 15.50
CA LEU A 29 3.86 -16.74 15.46
C LEU A 29 2.69 -15.84 15.83
N VAL A 30 1.74 -15.67 14.92
CA VAL A 30 0.68 -14.70 15.08
C VAL A 30 -0.68 -15.33 14.85
N GLY A 31 -1.67 -14.91 15.64
CA GLY A 31 -3.04 -15.36 15.49
C GLY A 31 -4.06 -14.23 15.44
N ALA A 32 -5.33 -14.57 15.67
CA ALA A 32 -6.42 -13.64 15.40
C ALA A 32 -6.28 -12.33 16.18
N GLY A 33 -5.55 -12.35 17.30
CA GLY A 33 -5.41 -11.18 18.14
C GLY A 33 -4.68 -10.01 17.50
N ILE A 34 -3.92 -10.24 16.42
CA ILE A 34 -3.24 -9.14 15.74
C ILE A 34 -4.10 -8.52 14.64
N SER A 35 -5.30 -9.06 14.38
CA SER A 35 -6.14 -8.54 13.32
C SER A 35 -7.50 -8.04 13.81
N THR A 36 -7.81 -8.18 15.10
CA THR A 36 -9.08 -7.68 15.61
C THR A 36 -9.16 -6.16 15.55
N SER A 37 -8.03 -5.47 15.73
CA SER A 37 -8.08 -4.01 15.62
C SER A 37 -8.22 -3.56 14.16
N ALA A 38 -8.11 -4.49 13.21
CA ALA A 38 -8.37 -4.22 11.81
C ALA A 38 -9.79 -4.58 11.38
N GLY A 39 -10.64 -4.97 12.32
CA GLY A 39 -12.01 -5.35 11.99
C GLY A 39 -12.19 -6.77 11.52
N ILE A 40 -11.20 -7.63 11.70
CA ILE A 40 -11.32 -9.04 11.31
C ILE A 40 -11.81 -9.81 12.56
N PRO A 41 -12.95 -10.49 12.47
CA PRO A 41 -13.51 -11.13 13.67
C PRO A 41 -12.69 -12.32 14.12
N ASP A 42 -12.66 -12.52 15.43
CA ASP A 42 -12.01 -13.68 16.03
C ASP A 42 -13.09 -14.72 16.28
N PHE A 43 -13.00 -15.84 15.56
CA PHE A 43 -14.03 -16.87 15.70
C PHE A 43 -13.94 -17.61 17.03
N ARG A 44 -12.75 -17.62 17.66
CA ARG A 44 -12.63 -18.24 18.98
C ARG A 44 -13.41 -17.46 20.03
N SER A 45 -13.47 -16.14 19.90
CA SER A 45 -14.22 -15.30 20.82
C SER A 45 -15.69 -15.25 20.44
N THR A 48 -18.98 -12.94 18.74
CA THR A 48 -20.28 -13.55 19.03
C THR A 48 -21.32 -13.13 17.97
N GLY A 49 -22.30 -14.00 17.77
CA GLY A 49 -23.36 -13.72 16.81
C GLY A 49 -22.93 -13.78 15.36
N LEU A 50 -21.70 -14.24 15.08
CA LEU A 50 -21.22 -14.28 13.70
C LEU A 50 -22.14 -15.09 12.79
N TYR A 51 -22.78 -16.13 13.31
CA TYR A 51 -23.52 -17.09 12.49
C TYR A 51 -25.01 -16.79 12.40
N ASP A 52 -25.48 -15.68 12.98
CA ASP A 52 -26.91 -15.48 13.14
C ASP A 52 -27.65 -15.49 11.80
N ASN A 53 -27.02 -14.97 10.75
CA ASN A 53 -27.71 -14.90 9.47
C ASN A 53 -27.66 -16.20 8.69
N LEU A 54 -27.05 -17.24 9.24
CA LEU A 54 -27.03 -18.57 8.64
C LEU A 54 -28.12 -19.48 9.20
N GLU A 55 -29.00 -18.96 10.06
CA GLU A 55 -30.00 -19.82 10.67
C GLU A 55 -30.88 -20.48 9.61
N LYS A 56 -31.20 -19.76 8.53
CA LYS A 56 -32.07 -20.31 7.49
C LYS A 56 -31.47 -21.55 6.84
N TYR A 57 -30.16 -21.77 6.98
CA TYR A 57 -29.51 -22.95 6.42
C TYR A 57 -29.61 -24.18 7.31
N HIS A 58 -30.12 -24.06 8.53
CA HIS A 58 -30.34 -25.21 9.43
C HIS A 58 -29.07 -26.05 9.57
N LEU A 59 -27.98 -25.39 9.93
CA LEU A 59 -26.72 -26.08 10.10
C LEU A 59 -26.79 -27.08 11.26
N PRO A 60 -26.15 -28.25 11.14
CA PRO A 60 -26.10 -29.14 12.32
C PRO A 60 -25.37 -28.51 13.48
N TYR A 61 -24.24 -27.87 13.21
CA TYR A 61 -23.56 -27.06 14.21
C TYR A 61 -22.91 -25.90 13.47
N PRO A 62 -22.70 -24.77 14.13
CA PRO A 62 -22.20 -23.58 13.42
C PRO A 62 -20.94 -23.82 12.61
N GLU A 63 -19.95 -24.51 13.18
CA GLU A 63 -18.66 -24.71 12.52
C GLU A 63 -18.73 -25.73 11.38
N ALA A 64 -19.89 -26.35 11.13
CA ALA A 64 -19.98 -27.30 10.04
C ALA A 64 -19.64 -26.65 8.70
N ILE A 65 -19.85 -25.33 8.57
CA ILE A 65 -19.56 -24.67 7.30
C ILE A 65 -18.07 -24.73 6.96
N PHE A 66 -17.21 -24.96 7.95
CA PHE A 66 -15.77 -25.04 7.76
C PHE A 66 -15.24 -26.47 7.76
N GLU A 67 -16.12 -27.46 7.77
CA GLU A 67 -15.69 -28.84 7.67
C GLU A 67 -15.77 -29.26 6.20
N ILE A 68 -14.71 -29.93 5.71
CA ILE A 68 -14.54 -30.08 4.27
C ILE A 68 -15.65 -30.91 3.65
N SER A 69 -16.04 -32.01 4.31
CA SER A 69 -17.06 -32.86 3.71
C SER A 69 -18.40 -32.15 3.66
N TYR A 70 -18.79 -31.45 4.73
CA TYR A 70 -20.05 -30.71 4.72
C TYR A 70 -20.01 -29.57 3.71
N PHE A 71 -18.87 -28.87 3.65
CA PHE A 71 -18.71 -27.80 2.68
C PHE A 71 -18.88 -28.32 1.26
N LYS A 72 -18.31 -29.49 0.95
CA LYS A 72 -18.36 -29.99 -0.41
C LYS A 72 -19.79 -30.27 -0.87
N LYS A 73 -20.69 -30.62 0.06
CA LYS A 73 -22.09 -30.84 -0.32
C LYS A 73 -22.97 -29.62 -0.06
N HIS A 74 -22.56 -28.72 0.83
CA HIS A 74 -23.33 -27.52 1.16
C HIS A 74 -22.36 -26.35 1.23
N PRO A 75 -21.91 -25.85 0.07
CA PRO A 75 -20.94 -24.75 0.09
C PRO A 75 -21.58 -23.39 0.30
N GLU A 76 -22.89 -23.26 0.06
CA GLU A 76 -23.53 -21.95 0.10
C GLU A 76 -23.40 -21.26 1.45
N PRO A 77 -23.57 -21.94 2.59
CA PRO A 77 -23.45 -21.20 3.86
C PRO A 77 -22.09 -20.58 4.07
N PHE A 78 -21.00 -21.30 3.74
CA PHE A 78 -19.68 -20.71 3.89
C PHE A 78 -19.55 -19.42 3.09
N PHE A 79 -19.98 -19.45 1.82
CA PHE A 79 -19.83 -18.28 0.99
C PHE A 79 -20.77 -17.17 1.40
N ALA A 80 -21.94 -17.51 1.91
CA ALA A 80 -22.82 -16.48 2.48
C ALA A 80 -22.11 -15.73 3.61
N LEU A 81 -21.46 -16.46 4.50
CA LEU A 81 -20.80 -15.82 5.63
C LEU A 81 -19.60 -15.01 5.18
N ALA A 82 -18.85 -15.53 4.20
CA ALA A 82 -17.67 -14.80 3.73
C ALA A 82 -18.07 -13.46 3.12
N LYS A 83 -19.14 -13.45 2.32
CA LYS A 83 -19.64 -12.18 1.78
C LYS A 83 -20.03 -11.22 2.89
N GLU A 84 -20.71 -11.72 3.92
CA GLU A 84 -21.11 -10.88 5.04
C GLU A 84 -19.92 -10.33 5.81
N LEU A 85 -18.83 -11.08 5.88
CA LEU A 85 -17.68 -10.68 6.70
C LEU A 85 -16.60 -9.93 5.92
N TYR A 86 -16.76 -9.76 4.61
CA TYR A 86 -15.80 -8.98 3.84
C TYR A 86 -15.63 -7.61 4.49
N PRO A 87 -14.43 -7.22 4.91
CA PRO A 87 -14.29 -5.97 5.67
C PRO A 87 -14.39 -4.70 4.83
N GLY A 88 -14.33 -4.79 3.51
CA GLY A 88 -14.26 -3.59 2.72
C GLY A 88 -12.82 -3.19 2.47
N GLN A 89 -12.26 -2.32 3.32
CA GLN A 89 -10.84 -2.02 3.22
C GLN A 89 -10.05 -2.95 4.15
N PHE A 90 -8.87 -3.35 3.68
CA PHE A 90 -7.95 -4.17 4.44
C PHE A 90 -6.81 -3.26 4.88
N LYS A 91 -6.78 -2.93 6.16
CA LYS A 91 -5.78 -2.04 6.72
C LYS A 91 -4.98 -2.78 7.79
N PRO A 92 -3.75 -3.19 7.52
CA PRO A 92 -2.96 -3.89 8.55
C PRO A 92 -2.71 -3.02 9.78
N THR A 93 -2.49 -3.69 10.89
CA THR A 93 -2.30 -3.06 12.20
C THR A 93 -0.85 -2.71 12.44
N ILE A 94 -0.62 -1.95 13.51
CA ILE A 94 0.73 -1.63 13.95
C ILE A 94 1.55 -2.91 14.08
N CYS A 95 0.93 -3.96 14.62
CA CYS A 95 1.62 -5.23 14.80
C CYS A 95 2.07 -5.82 13.47
N HIS A 96 1.21 -5.78 12.45
CA HIS A 96 1.61 -6.22 11.12
C HIS A 96 2.80 -5.43 10.61
N TYR A 97 2.77 -4.09 10.80
CA TYR A 97 3.84 -3.27 10.28
C TYR A 97 5.11 -3.41 11.09
N PHE A 98 4.99 -3.79 12.37
CA PHE A 98 6.17 -4.12 13.16
C PHE A 98 6.92 -5.30 12.54
N MET A 99 6.19 -6.29 12.01
CA MET A 99 6.84 -7.42 11.36
C MET A 99 7.49 -7.00 10.04
N ARG A 100 6.88 -6.08 9.30
CA ARG A 100 7.57 -5.54 8.13
C ARG A 100 8.86 -4.82 8.53
N LEU A 101 8.85 -4.13 9.67
CA LEU A 101 10.07 -3.48 10.14
C LEU A 101 11.15 -4.51 10.46
N LEU A 102 10.78 -5.58 11.16
CA LEU A 102 11.72 -6.66 11.43
C LEU A 102 12.32 -7.18 10.14
N LYS A 103 11.49 -7.34 9.10
CA LYS A 103 11.98 -7.76 7.80
C LYS A 103 12.96 -6.73 7.25
N ASP A 104 12.51 -5.48 7.13
CA ASP A 104 13.37 -4.43 6.56
C ASP A 104 14.69 -4.33 7.31
N LYS A 105 14.72 -4.70 8.59
CA LYS A 105 15.94 -4.64 9.38
C LYS A 105 16.72 -5.96 9.39
N GLY A 106 16.29 -6.95 8.60
CA GLY A 106 17.07 -8.16 8.45
C GLY A 106 17.03 -9.10 9.64
N LEU A 107 15.95 -9.06 10.43
CA LEU A 107 15.82 -9.94 11.58
C LEU A 107 14.72 -10.98 11.42
N LEU A 108 13.89 -10.89 10.37
CA LEU A 108 12.72 -11.75 10.25
C LEU A 108 13.12 -13.01 9.50
N LEU A 109 13.25 -14.12 10.22
CA LEU A 109 13.40 -15.40 9.56
C LEU A 109 12.09 -15.82 8.91
N ARG A 110 10.98 -15.63 9.61
CA ARG A 110 9.71 -16.12 9.11
C ARG A 110 8.59 -15.58 9.98
N CYS A 111 7.46 -15.28 9.35
CA CYS A 111 6.21 -15.04 10.03
C CYS A 111 5.30 -16.22 9.77
N TYR A 112 4.98 -16.98 10.81
CA TYR A 112 3.95 -18.01 10.75
C TYR A 112 2.64 -17.37 11.24
N THR A 113 1.58 -17.49 10.44
CA THR A 113 0.28 -16.96 10.86
C THR A 113 -0.78 -18.05 10.79
N GLN A 114 -1.70 -18.02 11.76
CA GLN A 114 -2.91 -18.82 11.69
C GLN A 114 -4.09 -18.01 11.18
N ASN A 115 -3.87 -16.77 10.74
CA ASN A 115 -4.90 -15.95 10.15
C ASN A 115 -4.97 -16.19 8.64
N ILE A 116 -6.16 -15.97 8.08
CA ILE A 116 -6.41 -16.14 6.65
C ILE A 116 -6.73 -14.81 5.97
N ASP A 117 -6.63 -13.69 6.69
CA ASP A 117 -7.15 -12.41 6.22
C ASP A 117 -6.25 -11.69 5.22
N THR A 118 -5.04 -12.18 4.96
CA THR A 118 -4.03 -11.64 4.03
C THR A 118 -3.38 -10.33 4.50
N LEU A 119 -3.63 -9.89 5.73
CA LEU A 119 -3.07 -8.61 6.16
C LEU A 119 -1.55 -8.61 6.22
N GLU A 120 -0.90 -9.77 6.37
CA GLU A 120 0.56 -9.79 6.35
C GLU A 120 1.07 -9.40 4.97
N ARG A 121 0.45 -9.94 3.92
CA ARG A 121 0.81 -9.61 2.56
C ARG A 121 0.50 -8.15 2.25
N ILE A 122 -0.61 -7.64 2.76
CA ILE A 122 -0.95 -6.24 2.51
C ILE A 122 0.03 -5.31 3.23
N ALA A 123 0.58 -5.76 4.36
CA ALA A 123 1.60 -4.98 5.07
C ALA A 123 2.95 -5.03 4.38
N GLY A 124 3.11 -5.83 3.32
CA GLY A 124 4.33 -5.83 2.54
C GLY A 124 5.24 -7.02 2.80
N LEU A 125 4.82 -8.00 3.59
CA LEU A 125 5.57 -9.23 3.72
C LEU A 125 5.34 -10.09 2.48
N GLU A 126 6.43 -10.62 1.93
CA GLU A 126 6.34 -11.41 0.70
C GLU A 126 6.22 -12.90 1.04
N GLN A 127 5.84 -13.69 0.03
CA GLN A 127 5.58 -15.11 0.26
C GLN A 127 6.76 -15.78 0.94
N GLU A 128 7.98 -15.45 0.54
CA GLU A 128 9.16 -16.06 1.15
C GLU A 128 9.23 -15.78 2.65
N ASP A 129 8.62 -14.68 3.11
CA ASP A 129 8.61 -14.35 4.53
C ASP A 129 7.50 -15.05 5.30
N LEU A 130 6.55 -15.68 4.61
CA LEU A 130 5.29 -16.08 5.23
C LEU A 130 5.11 -17.58 5.19
N VAL A 131 4.57 -18.11 6.28
CA VAL A 131 3.99 -19.44 6.31
C VAL A 131 2.56 -19.25 6.81
N GLU A 132 1.61 -19.39 5.90
CA GLU A 132 0.20 -19.27 6.22
C GLU A 132 -0.25 -20.66 6.68
N ALA A 133 -0.13 -20.89 8.00
CA ALA A 133 -0.31 -22.23 8.58
C ALA A 133 -1.75 -22.70 8.52
N HIS A 134 -2.71 -21.77 8.40
CA HIS A 134 -4.12 -22.12 8.24
C HIS A 134 -4.62 -21.79 6.84
N GLY A 135 -3.71 -21.63 5.89
CA GLY A 135 -4.10 -21.26 4.56
C GLY A 135 -4.39 -19.78 4.43
N THR A 136 -5.14 -19.44 3.39
CA THR A 136 -5.36 -18.04 3.06
C THR A 136 -6.46 -17.92 2.03
N PHE A 137 -7.15 -16.77 2.07
CA PHE A 137 -8.06 -16.39 1.01
C PHE A 137 -7.34 -15.97 -0.26
N TYR A 138 -6.02 -15.76 -0.20
CA TYR A 138 -5.32 -15.14 -1.31
C TYR A 138 -5.45 -15.94 -2.61
N THR A 139 -5.46 -17.27 -2.50
CA THR A 139 -5.62 -18.15 -3.65
C THR A 139 -6.69 -19.19 -3.35
N SER A 140 -7.28 -19.73 -4.43
CA SER A 140 -8.32 -20.74 -4.36
C SER A 140 -7.99 -21.86 -5.36
N HIS A 141 -8.61 -23.01 -5.14
CA HIS A 141 -8.34 -24.17 -5.98
C HIS A 141 -9.62 -24.98 -6.20
N CYS A 142 -9.79 -25.47 -7.42
CA CYS A 142 -10.76 -26.52 -7.69
C CYS A 142 -10.52 -27.71 -6.75
N VAL A 143 -11.59 -28.24 -6.17
CA VAL A 143 -11.44 -29.30 -5.18
C VAL A 143 -11.17 -30.66 -5.78
N SER A 144 -11.25 -30.81 -7.10
CA SER A 144 -11.09 -32.11 -7.71
C SER A 144 -9.61 -32.48 -7.77
N ALA A 145 -9.28 -33.68 -7.29
CA ALA A 145 -7.90 -34.12 -7.23
C ALA A 145 -7.29 -34.28 -8.62
N SER A 146 -8.10 -34.56 -9.63
CA SER A 146 -7.58 -34.74 -10.98
C SER A 146 -7.46 -33.42 -11.76
N CYS A 147 -7.79 -32.28 -11.15
CA CYS A 147 -7.72 -31.00 -11.84
C CYS A 147 -6.92 -29.97 -11.04
N ARG A 148 -7.44 -29.53 -9.89
CA ARG A 148 -6.72 -28.67 -8.94
C ARG A 148 -6.34 -27.32 -9.56
N HIS A 149 -7.12 -26.85 -10.53
CA HIS A 149 -6.87 -25.55 -11.14
C HIS A 149 -6.86 -24.47 -10.07
N GLU A 150 -5.89 -23.55 -10.16
CA GLU A 150 -5.77 -22.47 -9.19
C GLU A 150 -6.51 -21.23 -9.69
N TYR A 151 -7.12 -20.49 -8.77
CA TYR A 151 -7.81 -19.27 -9.12
C TYR A 151 -7.37 -18.12 -8.21
N PRO A 152 -7.21 -16.91 -8.76
CA PRO A 152 -6.75 -15.78 -7.95
C PRO A 152 -7.87 -15.14 -7.15
N LEU A 153 -7.47 -14.30 -6.20
CA LEU A 153 -8.40 -13.66 -5.28
C LEU A 153 -9.43 -12.81 -6.02
N SER A 154 -9.01 -12.13 -7.10
CA SER A 154 -9.95 -11.32 -7.86
C SER A 154 -11.06 -12.17 -8.46
N TRP A 155 -10.72 -13.37 -8.93
CA TRP A 155 -11.74 -14.29 -9.44
C TRP A 155 -12.69 -14.71 -8.33
N MET A 156 -12.14 -15.13 -7.18
CA MET A 156 -12.97 -15.62 -6.08
C MET A 156 -13.85 -14.50 -5.51
N LYS A 157 -13.30 -13.28 -5.43
CA LYS A 157 -14.09 -12.14 -4.98
C LYS A 157 -15.29 -11.91 -5.88
N GLU A 158 -15.06 -11.92 -7.21
CA GLU A 158 -16.15 -11.65 -8.15
C GLU A 158 -17.27 -12.67 -8.01
N LYS A 159 -16.92 -13.93 -7.79
CA LYS A 159 -17.94 -14.96 -7.61
C LYS A 159 -18.72 -14.77 -6.31
N ILE A 160 -18.02 -14.50 -5.21
CA ILE A 160 -18.69 -14.34 -3.91
C ILE A 160 -19.63 -13.14 -3.95
N PHE A 161 -19.15 -12.00 -4.46
CA PHE A 161 -19.98 -10.80 -4.50
C PHE A 161 -21.15 -10.95 -5.46
N SER A 162 -20.96 -11.73 -6.54
CA SER A 162 -22.06 -12.05 -7.44
C SER A 162 -22.99 -13.14 -6.90
N GLU A 163 -22.71 -13.66 -5.71
CA GLU A 163 -23.56 -14.70 -5.12
C GLU A 163 -23.72 -15.87 -6.09
N VAL A 164 -22.61 -16.23 -6.73
CA VAL A 164 -22.50 -17.43 -7.55
C VAL A 164 -21.53 -18.38 -6.85
N THR A 165 -21.96 -19.61 -6.61
CA THR A 165 -21.07 -20.59 -6.00
C THR A 165 -19.91 -20.84 -6.96
N PRO A 166 -18.66 -20.67 -6.53
CA PRO A 166 -17.54 -20.75 -7.48
C PRO A 166 -17.39 -22.14 -8.07
N LYS A 167 -17.29 -22.21 -9.39
CA LYS A 167 -17.13 -23.47 -10.09
C LYS A 167 -15.94 -23.41 -11.03
N CYS A 168 -15.21 -24.52 -11.11
CA CYS A 168 -14.04 -24.60 -11.97
C CYS A 168 -14.41 -24.44 -13.44
N GLU A 169 -13.66 -23.60 -14.13
CA GLU A 169 -13.88 -23.37 -15.56
C GLU A 169 -13.43 -24.53 -16.43
N ASP A 170 -12.59 -25.43 -15.92
CA ASP A 170 -12.15 -26.59 -16.68
C ASP A 170 -13.08 -27.79 -16.51
N CYS A 171 -13.45 -28.12 -15.26
CA CYS A 171 -14.20 -29.34 -14.96
C CYS A 171 -15.50 -29.07 -14.21
N GLN A 172 -15.84 -27.81 -13.95
CA GLN A 172 -17.08 -27.41 -13.29
C GLN A 172 -17.18 -27.88 -11.85
N SER A 173 -16.12 -28.42 -11.28
CA SER A 173 -16.14 -28.80 -9.88
C SER A 173 -16.08 -27.56 -8.99
N LEU A 174 -16.37 -27.78 -7.72
CA LEU A 174 -16.38 -26.70 -6.74
C LEU A 174 -14.97 -26.12 -6.59
N VAL A 175 -14.89 -24.79 -6.48
CA VAL A 175 -13.63 -24.09 -6.22
C VAL A 175 -13.67 -23.54 -4.80
N LYS A 176 -12.61 -23.81 -4.03
CA LYS A 176 -12.56 -23.48 -2.62
C LYS A 176 -11.38 -22.57 -2.31
N PRO A 177 -11.58 -21.49 -1.56
CA PRO A 177 -10.42 -20.73 -1.07
C PRO A 177 -9.49 -21.62 -0.28
N ASP A 178 -8.19 -21.30 -0.36
CA ASP A 178 -7.15 -22.13 0.22
C ASP A 178 -7.08 -22.01 1.74
N ILE A 179 -8.20 -21.75 2.38
CA ILE A 179 -8.31 -21.91 3.82
C ILE A 179 -8.26 -23.39 4.18
N VAL A 180 -7.63 -23.70 5.32
CA VAL A 180 -7.62 -25.07 5.83
C VAL A 180 -8.94 -25.33 6.55
N PHE A 181 -9.76 -26.20 5.98
CA PHE A 181 -11.01 -26.62 6.60
C PHE A 181 -10.76 -27.80 7.51
N PHE A 182 -11.64 -27.98 8.49
CA PHE A 182 -11.62 -29.21 9.28
C PHE A 182 -11.63 -30.42 8.34
N GLY A 183 -10.75 -31.37 8.62
CA GLY A 183 -10.61 -32.55 7.78
C GLY A 183 -9.55 -32.43 6.70
N GLU A 184 -8.94 -31.25 6.54
CA GLU A 184 -7.87 -31.05 5.58
C GLU A 184 -6.53 -31.03 6.31
N SER A 185 -5.48 -31.45 5.61
CA SER A 185 -4.13 -31.38 6.15
C SER A 185 -3.63 -29.93 6.11
N LEU A 186 -2.66 -29.63 6.98
CA LEU A 186 -2.02 -28.33 6.95
C LEU A 186 -1.18 -28.18 5.68
N PRO A 187 -0.90 -26.95 5.26
CA PRO A 187 -0.17 -26.76 3.99
C PRO A 187 1.21 -27.39 4.04
N ALA A 188 1.64 -27.93 2.90
CA ALA A 188 2.97 -28.54 2.81
C ALA A 188 4.07 -27.54 3.13
N ARG A 189 3.84 -26.26 2.83
CA ARG A 189 4.87 -25.27 3.13
C ARG A 189 5.14 -25.21 4.63
N PHE A 190 4.10 -25.33 5.44
CA PHE A 190 4.29 -25.30 6.88
C PHE A 190 5.30 -26.34 7.32
N PHE A 191 5.14 -27.58 6.86
CA PHE A 191 6.02 -28.65 7.33
C PHE A 191 7.45 -28.49 6.80
N SER A 192 7.60 -28.08 5.54
CA SER A 192 8.95 -27.92 5.01
C SER A 192 9.70 -26.80 5.75
N CYS A 193 9.04 -25.67 6.01
CA CYS A 193 9.70 -24.56 6.68
C CYS A 193 9.91 -24.81 8.17
N MET A 194 8.91 -25.42 8.84
CA MET A 194 9.00 -25.60 10.28
C MET A 194 10.30 -26.28 10.67
N GLN A 195 10.67 -27.33 9.94
CA GLN A 195 11.78 -28.17 10.37
C GLN A 195 13.10 -27.46 10.19
N SER A 196 13.22 -26.62 9.17
CA SER A 196 14.45 -25.86 8.99
C SER A 196 14.48 -24.65 9.92
N ASP A 197 13.35 -23.95 10.04
CA ASP A 197 13.29 -22.70 10.80
C ASP A 197 13.50 -22.96 12.29
N PHE A 198 12.83 -23.96 12.85
CA PHE A 198 12.89 -24.09 14.29
C PHE A 198 14.23 -24.63 14.76
N LEU A 199 15.11 -25.05 13.84
CA LEU A 199 16.48 -25.33 14.22
C LEU A 199 17.34 -24.06 14.31
N LYS A 200 17.00 -22.99 13.59
CA LYS A 200 17.84 -21.81 13.46
C LYS A 200 17.36 -20.62 14.30
N VAL A 201 16.16 -20.69 14.87
CA VAL A 201 15.51 -19.51 15.43
C VAL A 201 16.20 -19.07 16.72
N ASP A 202 16.53 -17.76 16.79
CA ASP A 202 17.13 -17.18 17.99
C ASP A 202 16.11 -16.54 18.92
N LEU A 203 14.94 -16.18 18.42
CA LEU A 203 13.89 -15.59 19.24
C LEU A 203 12.54 -15.94 18.65
N LEU A 204 11.63 -16.35 19.51
CA LEU A 204 10.26 -16.61 19.13
C LEU A 204 9.39 -15.46 19.65
N LEU A 205 8.76 -14.73 18.73
CA LEU A 205 7.84 -13.64 19.07
C LEU A 205 6.42 -14.13 18.79
N VAL A 206 5.64 -14.31 19.86
CA VAL A 206 4.31 -14.92 19.77
C VAL A 206 3.28 -13.85 20.12
N MET A 207 2.42 -13.50 19.17
CA MET A 207 1.54 -12.35 19.31
C MET A 207 0.12 -12.70 18.92
N GLY A 208 -0.82 -12.41 19.81
CA GLY A 208 -2.22 -12.48 19.46
C GLY A 208 -2.75 -13.88 19.20
N THR A 209 -2.20 -14.89 19.87
CA THR A 209 -2.69 -16.26 19.73
C THR A 209 -2.82 -16.88 21.11
N SER A 210 -3.88 -17.66 21.28
CA SER A 210 -4.10 -18.36 22.54
C SER A 210 -3.31 -19.65 22.64
N LEU A 211 -2.69 -20.10 21.54
CA LEU A 211 -1.90 -21.34 21.53
C LEU A 211 -2.75 -22.54 21.91
N GLN A 212 -4.02 -22.53 21.54
CA GLN A 212 -4.92 -23.64 21.84
C GLN A 212 -5.20 -24.51 20.62
N VAL A 213 -5.25 -23.93 19.44
CA VAL A 213 -5.49 -24.68 18.22
CA VAL A 213 -5.49 -24.68 18.22
C VAL A 213 -4.16 -25.06 17.60
N GLN A 214 -4.17 -26.13 16.82
CA GLN A 214 -3.00 -26.59 16.10
C GLN A 214 -2.82 -25.79 14.81
N PRO A 215 -1.58 -25.67 14.31
CA PRO A 215 -0.33 -26.23 14.81
C PRO A 215 0.37 -25.46 15.91
N PHE A 216 -0.03 -24.22 16.20
CA PHE A 216 0.71 -23.45 17.18
C PHE A 216 0.70 -24.10 18.56
N ALA A 217 -0.39 -24.78 18.91
CA ALA A 217 -0.48 -25.38 20.23
C ALA A 217 0.71 -26.31 20.50
N SER A 218 1.04 -27.16 19.54
CA SER A 218 2.19 -28.05 19.64
C SER A 218 3.50 -27.40 19.20
N LEU A 219 3.45 -26.43 18.28
CA LEU A 219 4.69 -25.90 17.71
C LEU A 219 5.48 -25.07 18.71
N ILE A 220 4.81 -24.44 19.68
CA ILE A 220 5.50 -23.54 20.60
C ILE A 220 6.59 -24.27 21.39
N SER A 221 6.36 -25.53 21.72
CA SER A 221 7.33 -26.31 22.49
C SER A 221 8.48 -26.86 21.65
N LYS A 222 8.50 -26.67 20.34
CA LYS A 222 9.55 -27.22 19.49
C LYS A 222 10.73 -26.28 19.29
N ALA A 223 10.71 -25.10 19.87
CA ALA A 223 11.84 -24.20 19.77
C ALA A 223 13.05 -24.79 20.49
N PRO A 224 14.26 -24.43 20.10
CA PRO A 224 15.45 -24.81 20.88
C PRO A 224 15.30 -24.38 22.34
N LEU A 225 15.90 -25.18 23.24
CA LEU A 225 15.73 -24.96 24.68
C LEU A 225 16.28 -23.63 25.14
N SER A 226 17.29 -23.10 24.46
CA SER A 226 17.89 -21.84 24.86
C SER A 226 17.22 -20.64 24.20
N THR A 227 16.36 -20.86 23.21
CA THR A 227 15.72 -19.75 22.49
C THR A 227 14.68 -19.04 23.34
N PRO A 228 14.83 -17.75 23.62
CA PRO A 228 13.78 -17.03 24.35
C PRO A 228 12.49 -16.93 23.55
N ARG A 229 11.39 -16.82 24.30
CA ARG A 229 10.06 -16.75 23.74
C ARG A 229 9.31 -15.62 24.44
N LEU A 230 8.87 -14.64 23.66
CA LEU A 230 8.11 -13.50 24.15
C LEU A 230 6.67 -13.65 23.66
N LEU A 231 5.73 -13.67 24.61
CA LEU A 231 4.31 -13.67 24.30
C LEU A 231 3.77 -12.26 24.49
N ILE A 232 3.19 -11.71 23.43
CA ILE A 232 2.45 -10.45 23.49
C ILE A 232 1.00 -10.80 23.24
N ASN A 233 0.18 -10.74 24.29
CA ASN A 233 -1.16 -11.29 24.18
C ASN A 233 -1.98 -10.75 25.34
N LYS A 234 -3.31 -10.79 25.18
CA LYS A 234 -4.18 -10.35 26.26
C LYS A 234 -4.01 -11.21 27.52
N GLU A 235 -3.69 -12.49 27.35
CA GLU A 235 -3.56 -13.39 28.50
C GLU A 235 -2.37 -14.31 28.28
N LYS A 236 -1.85 -14.84 29.39
CA LYS A 236 -0.82 -15.87 29.29
C LYS A 236 -1.37 -17.08 28.55
N ALA A 237 -0.50 -17.76 27.83
CA ALA A 237 -0.91 -18.88 26.99
C ALA A 237 0.31 -19.78 26.78
N GLY A 238 0.05 -21.01 26.32
CA GLY A 238 1.10 -21.94 26.00
C GLY A 238 1.69 -22.69 27.17
N GLN A 239 1.10 -22.58 28.36
CA GLN A 239 1.66 -23.20 29.56
C GLN A 239 1.25 -24.67 29.72
N SER A 240 0.12 -25.08 29.16
CA SER A 240 -0.39 -26.43 29.29
C SER A 240 -0.06 -27.27 28.06
N ASP A 241 0.08 -28.58 28.27
CA ASP A 241 0.22 -29.49 27.14
C ASP A 241 -1.11 -29.57 26.40
N PRO A 242 -1.11 -29.53 25.05
CA PRO A 242 -2.37 -29.57 24.29
C PRO A 242 -3.30 -30.69 24.66
N PHE A 243 -2.79 -31.85 25.07
CA PHE A 243 -3.67 -32.95 25.48
C PHE A 243 -3.57 -33.27 26.97
N LEU A 244 -2.38 -33.21 27.56
CA LEU A 244 -2.20 -33.66 28.93
C LEU A 244 -2.56 -32.60 29.97
N GLY A 245 -2.83 -31.37 29.55
CA GLY A 245 -3.11 -30.32 30.51
C GLY A 245 -1.82 -29.81 31.14
N MET A 246 -1.95 -29.28 32.35
CA MET A 246 -0.79 -28.70 33.03
C MET A 246 0.14 -29.79 33.52
N ILE A 247 1.44 -29.61 33.25
CA ILE A 247 2.46 -30.57 33.67
C ILE A 247 3.73 -29.81 34.01
N MET A 248 3.57 -28.76 34.83
CA MET A 248 4.65 -27.85 35.24
C MET A 248 5.49 -27.30 34.10
N GLY A 249 5.08 -27.52 32.85
CA GLY A 249 5.86 -27.08 31.71
C GLY A 249 6.77 -28.12 31.12
N LEU A 250 6.70 -29.37 31.58
CA LEU A 250 7.46 -30.44 30.94
C LEU A 250 7.11 -30.50 29.48
N GLY A 251 8.11 -30.79 28.66
CA GLY A 251 7.89 -30.88 27.23
C GLY A 251 7.92 -29.55 26.52
N GLY A 252 8.54 -28.54 27.12
CA GLY A 252 8.76 -27.26 26.46
C GLY A 252 7.63 -26.26 26.59
N GLY A 253 6.67 -26.48 27.49
CA GLY A 253 5.61 -25.51 27.67
C GLY A 253 6.13 -24.17 28.15
N MET A 254 5.33 -23.12 27.90
CA MET A 254 5.73 -21.78 28.34
C MET A 254 5.79 -21.76 29.87
N ASP A 255 6.89 -21.24 30.40
CA ASP A 255 7.07 -21.14 31.85
C ASP A 255 7.47 -19.69 32.18
N PHE A 256 6.47 -18.88 32.51
CA PHE A 256 6.70 -17.48 32.85
C PHE A 256 7.07 -17.27 34.31
N ASP A 257 6.49 -18.06 35.22
CA ASP A 257 6.41 -17.71 36.63
C ASP A 257 6.97 -18.73 37.61
N SER A 258 7.39 -19.91 37.16
CA SER A 258 7.90 -20.89 38.11
C SER A 258 9.29 -20.48 38.59
N LYS A 259 9.77 -21.18 39.63
CA LYS A 259 11.10 -20.89 40.13
C LYS A 259 12.20 -21.32 39.15
N LYS A 260 11.87 -22.12 38.14
CA LYS A 260 12.84 -22.54 37.14
C LYS A 260 12.68 -21.81 35.81
N ALA A 261 11.85 -20.77 35.76
CA ALA A 261 11.69 -19.99 34.53
C ALA A 261 13.00 -19.31 34.17
N TYR A 262 13.29 -19.23 32.87
CA TYR A 262 14.60 -18.74 32.45
C TYR A 262 14.59 -18.08 31.08
N ARG A 263 13.49 -18.18 30.33
CA ARG A 263 13.55 -17.73 28.93
C ARG A 263 12.22 -17.25 28.38
N ASP A 264 11.14 -17.36 29.14
CA ASP A 264 9.81 -17.05 28.64
C ASP A 264 9.31 -15.78 29.30
N VAL A 265 8.79 -14.87 28.49
CA VAL A 265 8.35 -13.56 28.95
C VAL A 265 6.96 -13.30 28.40
N ALA A 266 6.07 -12.82 29.27
CA ALA A 266 4.71 -12.46 28.89
C ALA A 266 4.53 -10.97 29.13
N TRP A 267 4.08 -10.24 28.10
CA TRP A 267 3.65 -8.86 28.24
C TRP A 267 2.18 -8.83 27.85
N LEU A 268 1.31 -8.51 28.81
CA LEU A 268 -0.13 -8.70 28.68
C LEU A 268 -0.80 -7.40 28.27
N GLY A 269 -1.46 -7.42 27.12
CA GLY A 269 -2.10 -6.23 26.59
C GLY A 269 -2.41 -6.44 25.12
N GLU A 270 -2.88 -5.35 24.49
CA GLU A 270 -3.12 -5.37 23.05
C GLU A 270 -1.84 -5.54 22.27
N CYS A 271 -1.91 -6.32 21.18
CA CYS A 271 -0.72 -6.57 20.36
C CYS A 271 -0.12 -5.27 19.84
N ASP A 272 -0.95 -4.35 19.36
CA ASP A 272 -0.45 -3.06 18.87
C ASP A 272 0.35 -2.33 19.95
N GLN A 273 -0.19 -2.29 21.16
CA GLN A 273 0.47 -1.58 22.25
C GLN A 273 1.81 -2.22 22.61
N GLY A 274 1.84 -3.56 22.65
CA GLY A 274 3.08 -4.26 22.96
C GLY A 274 4.15 -4.04 21.90
N CYS A 275 3.75 -4.02 20.63
CA CYS A 275 4.71 -3.77 19.57
C CYS A 275 5.24 -2.33 19.61
N LEU A 276 4.39 -1.38 19.99
CA LEU A 276 4.89 -0.01 20.17
C LEU A 276 5.89 0.06 21.32
N ALA A 277 5.59 -0.63 22.43
CA ALA A 277 6.50 -0.60 23.58
C ALA A 277 7.81 -1.31 23.27
N LEU A 278 7.75 -2.40 22.51
CA LEU A 278 8.98 -3.08 22.10
C LEU A 278 9.78 -2.23 21.11
N ALA A 279 9.11 -1.67 20.11
CA ALA A 279 9.79 -0.76 19.18
C ALA A 279 10.47 0.38 19.92
N GLU A 280 9.81 0.94 20.94
CA GLU A 280 10.42 2.00 21.74
C GLU A 280 11.74 1.52 22.35
N LEU A 281 11.73 0.33 22.94
CA LEU A 281 12.94 -0.22 23.55
C LEU A 281 13.99 -0.61 22.52
N LEU A 282 13.62 -0.73 21.24
CA LEU A 282 14.60 -0.97 20.19
C LEU A 282 15.07 0.31 19.51
N GLY A 283 14.49 1.46 19.84
CA GLY A 283 14.79 2.70 19.15
C GLY A 283 14.11 2.84 17.80
N TRP A 284 13.07 2.05 17.54
CA TRP A 284 12.40 2.02 16.26
C TRP A 284 11.02 2.67 16.27
N LYS A 285 10.59 3.29 17.38
CA LYS A 285 9.19 3.69 17.45
C LYS A 285 8.85 4.75 16.41
N LYS A 286 9.71 5.75 16.26
CA LYS A 286 9.48 6.78 15.25
C LYS A 286 9.35 6.16 13.87
N GLU A 287 10.29 5.28 13.50
N GLU A 287 10.29 5.29 13.50
CA GLU A 287 10.23 4.63 12.19
CA GLU A 287 10.24 4.61 12.21
C GLU A 287 8.95 3.81 12.05
C GLU A 287 8.95 3.82 12.06
N LEU A 288 8.54 3.12 13.11
CA LEU A 288 7.31 2.33 13.05
C LEU A 288 6.09 3.24 12.89
N GLU A 289 6.02 4.31 13.68
CA GLU A 289 4.86 5.19 13.60
C GLU A 289 4.81 5.93 12.26
N ASP A 290 5.96 6.33 11.73
CA ASP A 290 5.99 6.91 10.39
C ASP A 290 5.53 5.89 9.34
N LEU A 291 5.96 4.64 9.46
CA LEU A 291 5.57 3.63 8.48
C LEU A 291 4.05 3.41 8.51
N VAL A 292 3.48 3.28 9.70
CA VAL A 292 2.05 3.04 9.82
C VAL A 292 1.26 4.21 9.25
N ARG A 293 1.68 5.44 9.56
CA ARG A 293 0.97 6.61 9.07
C ARG A 293 1.00 6.64 7.55
N ARG A 294 2.17 6.40 6.97
CA ARG A 294 2.32 6.47 5.52
C ARG A 294 1.53 5.36 4.84
N GLU A 295 1.64 4.14 5.34
CA GLU A 295 0.95 3.02 4.69
C GLU A 295 -0.56 3.11 4.86
N HIS A 296 -1.02 3.58 6.02
CA HIS A 296 -2.46 3.80 6.22
C HIS A 296 -2.98 4.90 5.32
N ALA A 297 -2.21 5.98 5.17
CA ALA A 297 -2.63 7.04 4.25
C ALA A 297 -2.76 6.48 2.85
N SER A 298 -1.83 5.61 2.45
CA SER A 298 -1.89 5.02 1.12
C SER A 298 -3.12 4.15 0.95
N ILE A 299 -3.47 3.36 1.98
CA ILE A 299 -4.65 2.51 1.88
C ILE A 299 -5.92 3.36 1.83
N ASP A 300 -5.99 4.41 2.66
CA ASP A 300 -7.09 5.35 2.56
C ASP A 300 -7.21 5.94 1.16
N ALA A 301 -6.08 6.14 0.48
CA ALA A 301 -6.11 6.74 -0.85
C ALA A 301 -6.62 5.75 -1.90
N GLN A 302 -6.38 4.45 -1.69
CA GLN A 302 -6.89 3.45 -2.62
C GLN A 302 -8.40 3.31 -2.51
N SER A 303 -8.98 3.67 -1.38
CA SER A 303 -10.42 3.69 -1.23
C SER A 303 -11.02 2.35 -1.65
N HIS B 1 27.38 37.19 -13.61
CA HIS B 1 26.81 37.18 -12.27
C HIS B 1 25.91 35.96 -12.06
N MET B 2 25.49 35.32 -13.15
CA MET B 2 24.67 34.12 -13.04
C MET B 2 25.50 32.93 -12.59
N GLU B 3 24.92 32.11 -11.71
CA GLU B 3 25.65 31.02 -11.07
C GLU B 3 25.46 29.72 -11.83
N ARG B 4 26.56 28.99 -12.00
CA ARG B 4 26.57 27.76 -12.81
C ARG B 4 26.71 26.56 -11.87
N LEU B 5 25.58 25.94 -11.52
CA LEU B 5 25.57 24.92 -10.47
C LEU B 5 25.82 23.52 -10.99
N LEU B 6 25.50 23.22 -12.25
CA LEU B 6 25.82 21.92 -12.84
C LEU B 6 27.21 21.97 -13.44
N ASP B 7 27.97 20.89 -13.23
CA ASP B 7 29.27 20.82 -13.87
C ASP B 7 29.20 20.26 -15.28
N GLU B 8 28.04 19.75 -15.69
CA GLU B 8 27.78 19.38 -17.08
C GLU B 8 26.30 19.10 -17.24
N LEU B 9 25.80 19.35 -18.44
CA LEU B 9 24.36 19.26 -18.70
C LEU B 9 24.01 17.84 -19.11
N THR B 10 24.11 16.93 -18.13
CA THR B 10 23.84 15.51 -18.31
C THR B 10 23.21 14.99 -17.03
N LEU B 11 22.64 13.79 -17.11
CA LEU B 11 22.08 13.16 -15.92
C LEU B 11 23.17 12.96 -14.86
N GLU B 12 24.39 12.64 -15.30
CA GLU B 12 25.50 12.50 -14.37
C GLU B 12 25.76 13.80 -13.62
N GLY B 13 25.70 14.93 -14.33
CA GLY B 13 25.87 16.23 -13.69
C GLY B 13 24.78 16.54 -12.69
N VAL B 14 23.53 16.20 -13.03
CA VAL B 14 22.42 16.41 -12.11
C VAL B 14 22.62 15.56 -10.86
N ALA B 15 23.02 14.30 -11.03
CA ALA B 15 23.24 13.43 -9.88
C ALA B 15 24.34 13.96 -8.97
N ARG B 16 25.48 14.36 -9.53
CA ARG B 16 26.54 14.93 -8.70
C ARG B 16 26.03 16.16 -7.95
N TYR B 17 25.20 16.98 -8.60
CA TYR B 17 24.68 18.17 -7.93
C TYR B 17 23.73 17.78 -6.80
N MET B 18 22.89 16.77 -7.02
CA MET B 18 21.99 16.32 -5.96
C MET B 18 22.76 15.82 -4.75
N GLN B 19 23.98 15.32 -4.95
CA GLN B 19 24.79 14.85 -3.83
C GLN B 19 25.53 15.98 -3.14
N SER B 20 25.54 17.17 -3.71
CA SER B 20 26.24 18.28 -3.09
C SER B 20 25.38 18.88 -1.99
N GLU B 21 26.04 19.58 -1.06
CA GLU B 21 25.34 20.19 0.04
C GLU B 21 24.40 21.29 -0.41
N ARG B 22 24.67 21.91 -1.56
CA ARG B 22 23.82 23.01 -2.03
C ARG B 22 22.44 22.53 -2.47
N CYS B 23 22.30 21.27 -2.87
CA CYS B 23 21.01 20.77 -3.32
C CYS B 23 20.26 20.21 -2.12
N ARG B 24 19.41 21.03 -1.52
CA ARG B 24 18.69 20.66 -0.30
C ARG B 24 17.20 20.52 -0.51
N ARG B 25 16.62 21.23 -1.47
CA ARG B 25 15.17 21.23 -1.68
CA ARG B 25 15.18 21.24 -1.67
C ARG B 25 14.86 20.98 -3.15
N VAL B 26 14.23 19.84 -3.42
CA VAL B 26 13.83 19.46 -4.77
C VAL B 26 12.33 19.60 -4.90
N ILE B 27 11.90 20.17 -6.03
CA ILE B 27 10.50 20.19 -6.42
C ILE B 27 10.33 19.31 -7.63
N CYS B 28 9.33 18.42 -7.58
CA CYS B 28 8.93 17.65 -8.74
C CYS B 28 7.70 18.29 -9.38
N LEU B 29 7.72 18.39 -10.70
CA LEU B 29 6.57 18.78 -11.52
C LEU B 29 6.25 17.58 -12.41
N VAL B 30 5.10 16.95 -12.20
CA VAL B 30 4.80 15.69 -12.88
C VAL B 30 3.49 15.82 -13.64
N GLY B 31 3.45 15.16 -14.80
CA GLY B 31 2.24 15.07 -15.62
C GLY B 31 1.88 13.65 -16.02
N ALA B 32 1.04 13.53 -17.06
CA ALA B 32 0.44 12.26 -17.40
C ALA B 32 1.47 11.19 -17.74
N GLY B 33 2.68 11.59 -18.15
CA GLY B 33 3.72 10.65 -18.54
C GLY B 33 4.24 9.78 -17.42
N ILE B 34 3.99 10.15 -16.16
CA ILE B 34 4.46 9.33 -15.05
C ILE B 34 3.44 8.27 -14.66
N SER B 35 2.28 8.23 -15.32
CA SER B 35 1.23 7.26 -14.99
C SER B 35 0.82 6.39 -16.16
N THR B 36 1.37 6.59 -17.35
CA THR B 36 1.02 5.74 -18.48
C THR B 36 1.45 4.29 -18.23
N SER B 37 2.60 4.09 -17.60
CA SER B 37 3.03 2.73 -17.31
C SER B 37 2.13 2.06 -16.28
N ALA B 38 1.30 2.83 -15.57
CA ALA B 38 0.30 2.26 -14.67
C ALA B 38 -1.03 1.99 -15.36
N GLY B 39 -1.14 2.27 -16.65
CA GLY B 39 -2.36 2.01 -17.39
C GLY B 39 -3.26 3.20 -17.57
N ILE B 40 -2.84 4.39 -17.17
CA ILE B 40 -3.64 5.60 -17.34
C ILE B 40 -3.32 6.17 -18.72
N PRO B 41 -4.31 6.51 -19.54
CA PRO B 41 -3.99 7.04 -20.88
C PRO B 41 -3.22 8.35 -20.82
N ASP B 42 -2.35 8.55 -21.81
CA ASP B 42 -1.60 9.79 -21.95
C ASP B 42 -2.54 10.85 -22.52
N PHE B 43 -3.05 11.71 -21.65
CA PHE B 43 -4.01 12.73 -22.09
C PHE B 43 -3.36 13.81 -22.94
N ARG B 44 -2.02 13.90 -22.94
CA ARG B 44 -1.35 14.82 -23.86
C ARG B 44 -1.63 14.43 -25.32
N SER B 45 -1.68 13.14 -25.60
CA SER B 45 -1.91 12.65 -26.95
C SER B 45 -3.39 12.36 -27.16
N TYR B 51 -13.19 8.81 -26.39
CA TYR B 51 -14.27 9.54 -27.04
C TYR B 51 -14.96 8.68 -28.08
N ASP B 52 -14.21 7.73 -28.64
CA ASP B 52 -14.77 6.85 -29.66
C ASP B 52 -15.93 6.02 -29.12
N ASN B 53 -15.94 5.75 -27.82
CA ASN B 53 -17.02 5.02 -27.17
C ASN B 53 -18.14 5.94 -26.70
N LEU B 54 -18.00 7.25 -26.90
CA LEU B 54 -18.96 8.24 -26.43
C LEU B 54 -19.81 8.82 -27.54
N GLU B 55 -19.79 8.21 -28.73
CA GLU B 55 -20.56 8.77 -29.84
C GLU B 55 -22.03 8.93 -29.49
N LYS B 56 -22.56 8.06 -28.63
CA LYS B 56 -23.99 8.08 -28.32
C LYS B 56 -24.41 9.33 -27.56
N TYR B 57 -23.46 10.05 -26.96
CA TYR B 57 -23.78 11.16 -26.07
C TYR B 57 -23.92 12.49 -26.78
N HIS B 58 -23.58 12.57 -28.06
CA HIS B 58 -23.80 13.76 -28.87
C HIS B 58 -23.23 15.01 -28.19
N LEU B 59 -21.91 15.00 -27.98
CA LEU B 59 -21.25 16.19 -27.48
C LEU B 59 -21.08 17.20 -28.61
N PRO B 60 -21.35 18.49 -28.37
CA PRO B 60 -21.04 19.48 -29.41
C PRO B 60 -19.60 19.40 -29.87
N TYR B 61 -18.66 19.43 -28.93
CA TYR B 61 -17.25 19.22 -29.19
C TYR B 61 -16.73 18.21 -28.18
N PRO B 62 -15.60 17.55 -28.48
CA PRO B 62 -15.10 16.52 -27.55
C PRO B 62 -14.81 17.03 -26.15
N GLU B 63 -14.28 18.26 -26.02
CA GLU B 63 -13.88 18.78 -24.71
C GLU B 63 -15.07 19.18 -23.86
N ALA B 64 -16.30 19.07 -24.36
CA ALA B 64 -17.46 19.55 -23.62
C ALA B 64 -17.69 18.75 -22.33
N ILE B 65 -17.25 17.49 -22.29
CA ILE B 65 -17.42 16.67 -21.10
C ILE B 65 -16.54 17.10 -19.94
N PHE B 66 -15.55 17.96 -20.20
CA PHE B 66 -14.71 18.53 -19.15
C PHE B 66 -15.00 20.00 -18.91
N GLU B 67 -16.08 20.53 -19.49
CA GLU B 67 -16.48 21.91 -19.30
C GLU B 67 -17.53 21.98 -18.19
N ILE B 68 -17.29 22.85 -17.22
CA ILE B 68 -18.07 22.81 -15.98
C ILE B 68 -19.55 23.05 -16.26
N SER B 69 -19.87 23.97 -17.17
CA SER B 69 -21.27 24.30 -17.43
C SER B 69 -21.97 23.16 -18.18
N TYR B 70 -21.30 22.54 -19.14
CA TYR B 70 -21.87 21.39 -19.83
C TYR B 70 -22.00 20.21 -18.88
N PHE B 71 -21.01 20.01 -18.01
CA PHE B 71 -21.06 18.90 -17.06
C PHE B 71 -22.24 19.04 -16.11
N LYS B 72 -22.54 20.26 -15.67
CA LYS B 72 -23.63 20.46 -14.71
C LYS B 72 -24.97 20.04 -15.29
N LYS B 73 -25.19 20.23 -16.60
CA LYS B 73 -26.43 19.82 -17.23
C LYS B 73 -26.35 18.46 -17.90
N HIS B 74 -25.16 17.96 -18.21
CA HIS B 74 -24.99 16.65 -18.85
C HIS B 74 -23.76 15.97 -18.28
N PRO B 75 -23.91 15.30 -17.13
CA PRO B 75 -22.75 14.69 -16.47
C PRO B 75 -22.46 13.26 -16.90
N GLU B 76 -23.44 12.60 -17.51
CA GLU B 76 -23.32 11.17 -17.81
C GLU B 76 -22.09 10.83 -18.65
N PRO B 77 -21.72 11.60 -19.68
CA PRO B 77 -20.55 11.19 -20.48
C PRO B 77 -19.25 11.23 -19.70
N PHE B 78 -19.10 12.19 -18.78
CA PHE B 78 -17.90 12.24 -17.96
C PHE B 78 -17.78 10.98 -17.11
N PHE B 79 -18.79 10.71 -16.29
CA PHE B 79 -18.73 9.54 -15.42
C PHE B 79 -18.63 8.26 -16.22
N ALA B 80 -19.31 8.21 -17.38
CA ALA B 80 -19.19 7.04 -18.25
C ALA B 80 -17.74 6.85 -18.69
N LEU B 81 -17.10 7.92 -19.15
CA LEU B 81 -15.70 7.84 -19.54
C LEU B 81 -14.83 7.48 -18.34
N ALA B 82 -15.11 8.06 -17.18
CA ALA B 82 -14.36 7.72 -15.97
C ALA B 82 -14.51 6.25 -15.62
N LYS B 83 -15.73 5.72 -15.73
CA LYS B 83 -15.95 4.29 -15.51
C LYS B 83 -15.06 3.45 -16.43
N GLU B 84 -14.86 3.90 -17.67
CA GLU B 84 -14.09 3.12 -18.62
C GLU B 84 -12.59 3.25 -18.40
N LEU B 85 -12.10 4.46 -18.16
CA LEU B 85 -10.67 4.67 -18.01
C LEU B 85 -10.10 4.10 -16.72
N TYR B 86 -10.94 3.55 -15.85
CA TYR B 86 -10.44 2.95 -14.62
C TYR B 86 -9.54 1.76 -14.95
N PRO B 87 -8.24 1.81 -14.65
CA PRO B 87 -7.36 0.68 -14.96
C PRO B 87 -7.73 -0.54 -14.12
N GLY B 88 -7.22 -1.70 -14.57
CA GLY B 88 -7.46 -2.92 -13.84
C GLY B 88 -7.09 -2.82 -12.37
N GLN B 89 -5.96 -2.18 -12.09
CA GLN B 89 -5.50 -2.01 -10.72
C GLN B 89 -4.72 -0.71 -10.63
N PHE B 90 -4.96 0.06 -9.56
CA PHE B 90 -4.25 1.31 -9.32
C PHE B 90 -2.92 1.00 -8.63
N LYS B 91 -1.86 0.86 -9.42
CA LYS B 91 -0.53 0.64 -8.89
C LYS B 91 0.37 1.80 -9.28
N PRO B 92 0.94 2.55 -8.34
CA PRO B 92 1.87 3.62 -8.72
C PRO B 92 3.10 3.06 -9.43
N THR B 93 3.75 3.91 -10.22
CA THR B 93 4.90 3.55 -11.02
C THR B 93 6.20 3.76 -10.24
N ILE B 94 7.30 3.26 -10.81
CA ILE B 94 8.63 3.47 -10.26
C ILE B 94 8.88 4.96 -10.05
N CYS B 95 8.43 5.78 -10.98
CA CYS B 95 8.63 7.23 -10.87
C CYS B 95 7.93 7.78 -9.63
N HIS B 96 6.71 7.30 -9.37
CA HIS B 96 5.98 7.69 -8.16
C HIS B 96 6.77 7.35 -6.92
N TYR B 97 7.35 6.14 -6.86
CA TYR B 97 8.08 5.71 -5.68
C TYR B 97 9.46 6.36 -5.60
N PHE B 98 10.03 6.78 -6.73
CA PHE B 98 11.24 7.59 -6.69
C PHE B 98 11.00 8.86 -5.89
N MET B 99 9.84 9.48 -6.06
CA MET B 99 9.54 10.70 -5.31
C MET B 99 9.38 10.39 -3.83
N ARG B 100 8.81 9.23 -3.49
CA ARG B 100 8.76 8.83 -2.09
C ARG B 100 10.16 8.64 -1.53
N LEU B 101 11.06 8.06 -2.32
CA LEU B 101 12.46 7.96 -1.91
C LEU B 101 13.06 9.33 -1.66
N LEU B 102 12.77 10.30 -2.55
CA LEU B 102 13.26 11.64 -2.34
C LEU B 102 12.82 12.19 -0.99
N LYS B 103 11.56 11.92 -0.62
CA LYS B 103 11.09 12.36 0.69
C LYS B 103 11.90 11.71 1.80
N ASP B 104 12.00 10.37 1.77
CA ASP B 104 12.73 9.64 2.81
C ASP B 104 14.12 10.23 3.01
N LYS B 105 14.75 10.67 1.94
CA LYS B 105 16.10 11.18 2.01
C LYS B 105 16.16 12.67 2.30
N GLY B 106 15.04 13.27 2.68
CA GLY B 106 15.02 14.67 3.10
C GLY B 106 15.21 15.68 1.99
N LEU B 107 14.92 15.31 0.73
CA LEU B 107 15.12 16.23 -0.39
C LEU B 107 13.82 16.75 -1.01
N LEU B 108 12.67 16.17 -0.67
CA LEU B 108 11.43 16.55 -1.35
C LEU B 108 10.85 17.79 -0.69
N LEU B 109 10.93 18.93 -1.38
CA LEU B 109 10.21 20.11 -0.91
C LEU B 109 8.73 19.98 -1.26
N ARG B 110 8.43 19.59 -2.49
CA ARG B 110 7.04 19.48 -2.91
C ARG B 110 6.99 18.71 -4.21
N CYS B 111 5.93 17.91 -4.37
CA CYS B 111 5.54 17.33 -5.65
C CYS B 111 4.31 18.09 -6.15
N TYR B 112 4.46 18.83 -7.24
CA TYR B 112 3.32 19.40 -7.96
C TYR B 112 2.90 18.43 -9.04
N THR B 113 1.62 18.08 -9.07
CA THR B 113 1.11 17.22 -10.13
C THR B 113 -0.07 17.87 -10.84
N GLN B 114 -0.15 17.62 -12.14
CA GLN B 114 -1.33 17.95 -12.92
C GLN B 114 -2.17 16.72 -13.22
N ASN B 115 -1.79 15.55 -12.68
CA ASN B 115 -2.60 14.35 -12.78
C ASN B 115 -3.68 14.35 -11.72
N ILE B 116 -4.78 13.66 -12.01
CA ILE B 116 -5.91 13.54 -11.09
C ILE B 116 -6.12 12.08 -10.65
N ASP B 117 -5.14 11.22 -10.90
CA ASP B 117 -5.31 9.77 -10.72
C ASP B 117 -5.05 9.30 -9.29
N THR B 118 -4.62 10.18 -8.39
CA THR B 118 -4.36 9.92 -6.97
C THR B 118 -3.18 8.98 -6.72
N LEU B 119 -2.36 8.71 -7.74
CA LEU B 119 -1.29 7.73 -7.57
C LEU B 119 -0.17 8.25 -6.67
N GLU B 120 0.04 9.57 -6.62
CA GLU B 120 1.00 10.12 -5.67
C GLU B 120 0.64 9.73 -4.24
N ARG B 121 -0.64 9.87 -3.88
CA ARG B 121 -1.06 9.51 -2.52
C ARG B 121 -0.98 8.01 -2.30
N ILE B 122 -1.33 7.20 -3.30
CA ILE B 122 -1.25 5.75 -3.14
C ILE B 122 0.20 5.33 -2.94
N ALA B 123 1.13 6.05 -3.56
CA ALA B 123 2.55 5.78 -3.40
C ALA B 123 3.09 6.16 -2.04
N GLY B 124 2.30 6.83 -1.19
CA GLY B 124 2.76 7.18 0.15
C GLY B 124 3.15 8.63 0.33
N LEU B 125 3.06 9.46 -0.70
CA LEU B 125 3.19 10.90 -0.51
C LEU B 125 1.95 11.43 0.19
N GLU B 126 2.16 12.25 1.22
CA GLU B 126 1.06 12.77 2.01
C GLU B 126 0.70 14.18 1.56
N GLN B 127 -0.44 14.66 2.06
N GLN B 127 -0.43 14.67 2.07
CA GLN B 127 -0.99 15.93 1.61
CA GLN B 127 -0.98 15.92 1.55
C GLN B 127 0.04 17.05 1.71
C GLN B 127 -0.01 17.10 1.74
N GLU B 128 0.81 17.07 2.80
CA GLU B 128 1.77 18.15 3.00
C GLU B 128 2.83 18.18 1.91
N ASP B 129 3.15 17.01 1.33
CA ASP B 129 4.15 16.92 0.27
C ASP B 129 3.58 17.27 -1.09
N LEU B 130 2.28 17.44 -1.21
CA LEU B 130 1.58 17.41 -2.49
C LEU B 130 0.89 18.72 -2.79
N VAL B 131 0.97 19.14 -4.04
CA VAL B 131 0.12 20.17 -4.61
C VAL B 131 -0.52 19.54 -5.85
N GLU B 132 -1.82 19.23 -5.75
CA GLU B 132 -2.59 18.70 -6.88
C GLU B 132 -3.12 19.91 -7.66
N ALA B 133 -2.35 20.32 -8.68
CA ALA B 133 -2.59 21.59 -9.35
C ALA B 133 -3.83 21.58 -10.24
N HIS B 134 -4.28 20.41 -10.66
CA HIS B 134 -5.53 20.25 -11.38
C HIS B 134 -6.60 19.55 -10.53
N GLY B 135 -6.40 19.50 -9.22
CA GLY B 135 -7.38 18.87 -8.36
C GLY B 135 -7.20 17.37 -8.29
N THR B 136 -8.22 16.70 -7.77
CA THR B 136 -8.09 15.26 -7.56
C THR B 136 -9.45 14.62 -7.43
N PHE B 137 -9.48 13.31 -7.70
CA PHE B 137 -10.64 12.48 -7.41
C PHE B 137 -10.74 12.12 -5.93
N TYR B 138 -9.68 12.36 -5.15
CA TYR B 138 -9.67 11.89 -3.77
C TYR B 138 -10.86 12.42 -2.98
N THR B 139 -11.37 13.60 -3.35
CA THR B 139 -12.50 14.18 -2.65
C THR B 139 -13.47 14.78 -3.67
N SER B 140 -14.75 14.78 -3.31
CA SER B 140 -15.82 15.30 -4.14
C SER B 140 -16.71 16.22 -3.31
N HIS B 141 -17.49 17.05 -4.01
CA HIS B 141 -18.41 17.96 -3.35
C HIS B 141 -19.70 18.07 -4.15
N CYS B 142 -20.79 18.31 -3.43
CA CYS B 142 -22.04 18.68 -4.07
C CYS B 142 -21.89 20.06 -4.73
N VAL B 143 -22.40 20.18 -5.96
CA VAL B 143 -22.20 21.42 -6.72
C VAL B 143 -23.02 22.58 -6.14
N SER B 144 -24.16 22.28 -5.52
CA SER B 144 -24.98 23.32 -4.94
C SER B 144 -24.20 24.14 -3.92
N ALA B 145 -24.14 25.46 -4.15
CA ALA B 145 -23.33 26.32 -3.29
C ALA B 145 -23.82 26.29 -1.85
N SER B 146 -25.12 26.10 -1.63
CA SER B 146 -25.66 26.10 -0.28
C SER B 146 -25.36 24.80 0.45
N CYS B 147 -25.19 23.69 -0.27
CA CYS B 147 -24.94 22.39 0.37
C CYS B 147 -23.44 22.16 0.55
N ARG B 148 -22.73 21.92 -0.54
CA ARG B 148 -21.28 21.71 -0.52
C ARG B 148 -20.90 20.49 0.30
N HIS B 149 -21.80 19.51 0.41
CA HIS B 149 -21.50 18.30 1.15
C HIS B 149 -20.33 17.58 0.50
N GLU B 150 -19.34 17.18 1.31
CA GLU B 150 -18.15 16.51 0.83
C GLU B 150 -18.34 15.00 0.83
N TYR B 151 -17.79 14.32 -0.18
CA TYR B 151 -17.88 12.87 -0.26
C TYR B 151 -16.50 12.27 -0.53
N PRO B 152 -16.16 11.16 0.13
CA PRO B 152 -14.86 10.54 -0.09
C PRO B 152 -14.83 9.68 -1.35
N LEU B 153 -13.60 9.37 -1.78
CA LEU B 153 -13.40 8.64 -3.03
C LEU B 153 -14.12 7.29 -3.01
N SER B 154 -14.18 6.65 -1.84
CA SER B 154 -14.87 5.37 -1.75
C SER B 154 -16.35 5.52 -2.14
N TRP B 155 -16.99 6.58 -1.67
CA TRP B 155 -18.37 6.85 -2.04
C TRP B 155 -18.50 7.12 -3.54
N MET B 156 -17.58 7.91 -4.10
CA MET B 156 -17.65 8.28 -5.51
C MET B 156 -17.39 7.09 -6.41
N LYS B 157 -16.36 6.28 -6.09
CA LYS B 157 -16.09 5.08 -6.87
C LYS B 157 -17.31 4.17 -6.94
N GLU B 158 -18.00 4.00 -5.82
CA GLU B 158 -19.19 3.15 -5.79
C GLU B 158 -20.24 3.65 -6.78
N LYS B 159 -20.45 4.96 -6.83
CA LYS B 159 -21.45 5.51 -7.75
C LYS B 159 -21.02 5.33 -9.20
N ILE B 160 -19.74 5.55 -9.50
CA ILE B 160 -19.26 5.46 -10.87
C ILE B 160 -19.36 4.03 -11.37
N PHE B 161 -18.88 3.07 -10.58
CA PHE B 161 -18.89 1.67 -10.99
C PHE B 161 -20.32 1.15 -11.14
N SER B 162 -21.22 1.59 -10.27
CA SER B 162 -22.64 1.25 -10.42
C SER B 162 -23.30 2.03 -11.56
N GLU B 163 -22.57 2.94 -12.22
CA GLU B 163 -23.13 3.79 -13.26
C GLU B 163 -24.31 4.61 -12.76
N VAL B 164 -24.38 4.85 -11.45
CA VAL B 164 -25.36 5.75 -10.87
C VAL B 164 -24.75 7.14 -10.86
N THR B 165 -25.37 8.07 -11.59
CA THR B 165 -24.92 9.45 -11.55
C THR B 165 -24.89 9.93 -10.10
N PRO B 166 -23.72 10.28 -9.57
CA PRO B 166 -23.64 10.63 -8.13
C PRO B 166 -24.45 11.86 -7.80
N LYS B 167 -25.44 11.68 -6.94
CA LYS B 167 -26.26 12.76 -6.43
C LYS B 167 -26.01 12.91 -4.93
N CYS B 168 -26.13 14.14 -4.44
CA CYS B 168 -25.96 14.39 -3.02
C CYS B 168 -27.05 13.67 -2.23
N GLU B 169 -26.64 13.03 -1.12
CA GLU B 169 -27.59 12.36 -0.26
C GLU B 169 -28.44 13.35 0.54
N ASP B 170 -27.99 14.60 0.67
CA ASP B 170 -28.73 15.62 1.40
C ASP B 170 -29.74 16.35 0.51
N CYS B 171 -29.33 16.76 -0.70
CA CYS B 171 -30.18 17.58 -1.56
C CYS B 171 -30.36 17.01 -2.97
N GLN B 172 -29.76 15.87 -3.29
N GLN B 172 -29.77 15.86 -3.28
CA GLN B 172 -29.91 15.19 -4.57
CA GLN B 172 -29.90 15.18 -4.57
C GLN B 172 -29.32 15.97 -5.73
C GLN B 172 -29.32 15.98 -5.73
N SER B 173 -28.55 17.01 -5.45
CA SER B 173 -27.88 17.74 -6.52
C SER B 173 -26.63 16.98 -6.94
N LEU B 174 -26.10 17.32 -8.11
CA LEU B 174 -24.94 16.63 -8.64
C LEU B 174 -23.76 16.74 -7.67
N VAL B 175 -23.03 15.64 -7.52
CA VAL B 175 -21.79 15.60 -6.76
C VAL B 175 -20.64 15.56 -7.75
N LYS B 176 -19.72 16.51 -7.64
CA LYS B 176 -18.61 16.61 -8.57
C LYS B 176 -17.30 16.29 -7.86
N PRO B 177 -16.42 15.49 -8.45
CA PRO B 177 -15.08 15.31 -7.88
C PRO B 177 -14.30 16.62 -7.96
N ASP B 178 -13.37 16.79 -7.02
CA ASP B 178 -12.64 18.03 -6.88
C ASP B 178 -11.56 18.21 -7.94
N ILE B 179 -11.86 17.85 -9.18
CA ILE B 179 -10.95 18.11 -10.29
C ILE B 179 -11.32 19.46 -10.90
N VAL B 180 -10.33 20.08 -11.54
CA VAL B 180 -10.54 21.39 -12.19
C VAL B 180 -11.10 21.11 -13.59
N PHE B 181 -12.40 21.32 -13.77
CA PHE B 181 -12.98 21.32 -15.09
C PHE B 181 -12.65 22.63 -15.81
N PHE B 182 -12.72 22.59 -17.14
CA PHE B 182 -12.67 23.82 -17.92
C PHE B 182 -13.71 24.78 -17.40
N GLY B 183 -13.30 26.01 -17.13
CA GLY B 183 -14.17 27.04 -16.59
C GLY B 183 -14.04 27.24 -15.10
N GLU B 184 -13.21 26.45 -14.42
CA GLU B 184 -12.99 26.57 -12.98
C GLU B 184 -11.60 27.11 -12.71
N SER B 185 -11.47 27.70 -11.52
CA SER B 185 -10.19 28.22 -11.06
C SER B 185 -9.30 27.09 -10.55
N LEU B 186 -7.99 27.30 -10.59
CA LEU B 186 -7.05 26.35 -10.00
C LEU B 186 -7.12 26.42 -8.48
N PRO B 187 -6.71 25.35 -7.79
CA PRO B 187 -6.83 25.32 -6.33
C PRO B 187 -6.04 26.45 -5.68
N ALA B 188 -6.62 27.02 -4.63
CA ALA B 188 -5.95 28.08 -3.88
C ALA B 188 -4.62 27.59 -3.30
N ARG B 189 -4.55 26.32 -2.92
CA ARG B 189 -3.30 25.79 -2.38
C ARG B 189 -2.16 25.90 -3.37
N PHE B 190 -2.47 25.84 -4.67
CA PHE B 190 -1.41 25.93 -5.67
C PHE B 190 -0.73 27.29 -5.60
N PHE B 191 -1.51 28.37 -5.60
CA PHE B 191 -0.92 29.71 -5.63
C PHE B 191 -0.13 30.00 -4.36
N SER B 192 -0.65 29.60 -3.20
CA SER B 192 0.03 29.84 -1.94
C SER B 192 1.35 29.08 -1.85
N CYS B 193 1.32 27.78 -2.17
CA CYS B 193 2.55 26.99 -2.13
C CYS B 193 3.55 27.48 -3.17
N MET B 194 3.08 27.84 -4.36
CA MET B 194 3.97 28.27 -5.43
C MET B 194 4.90 29.39 -4.95
N GLN B 195 4.32 30.43 -4.34
CA GLN B 195 5.09 31.63 -4.04
C GLN B 195 6.22 31.31 -3.07
N SER B 196 5.92 30.56 -2.02
CA SER B 196 6.95 30.19 -1.05
C SER B 196 7.94 29.17 -1.60
N ASP B 197 7.43 28.17 -2.33
CA ASP B 197 8.29 27.05 -2.75
C ASP B 197 9.33 27.50 -3.76
N PHE B 198 8.95 28.32 -4.73
CA PHE B 198 9.83 28.62 -5.86
C PHE B 198 10.88 29.65 -5.52
N LEU B 199 10.83 30.27 -4.35
CA LEU B 199 11.93 31.12 -3.88
C LEU B 199 13.12 30.34 -3.38
N LYS B 200 12.92 29.08 -2.94
CA LYS B 200 13.97 28.33 -2.28
C LYS B 200 14.25 26.97 -2.90
N VAL B 201 13.74 26.72 -4.10
CA VAL B 201 13.96 25.43 -4.78
C VAL B 201 15.38 25.39 -5.34
N ASP B 202 16.09 24.28 -5.10
CA ASP B 202 17.44 24.07 -5.60
C ASP B 202 17.51 23.21 -6.86
N LEU B 203 16.48 22.42 -7.12
CA LEU B 203 16.44 21.57 -8.29
C LEU B 203 14.98 21.36 -8.67
N LEU B 204 14.71 21.49 -9.96
CA LEU B 204 13.41 21.18 -10.53
C LEU B 204 13.51 19.88 -11.29
N LEU B 205 12.71 18.89 -10.87
CA LEU B 205 12.62 17.60 -11.55
CA LEU B 205 12.62 17.60 -11.55
C LEU B 205 11.28 17.57 -12.27
N VAL B 206 11.32 17.69 -13.60
CA VAL B 206 10.12 17.81 -14.42
C VAL B 206 9.95 16.48 -15.15
N MET B 207 8.88 15.76 -14.85
CA MET B 207 8.76 14.38 -15.31
C MET B 207 7.40 14.14 -15.93
N GLY B 208 7.40 13.63 -17.16
CA GLY B 208 6.18 13.16 -17.80
C GLY B 208 5.18 14.24 -18.12
N THR B 209 5.64 15.46 -18.35
CA THR B 209 4.78 16.56 -18.77
C THR B 209 5.43 17.27 -19.95
N SER B 210 4.61 17.70 -20.89
CA SER B 210 5.11 18.47 -22.02
C SER B 210 4.86 19.97 -21.86
N LEU B 211 4.49 20.42 -20.67
CA LEU B 211 4.52 21.83 -20.31
C LEU B 211 3.74 22.68 -21.31
N GLN B 212 2.65 22.13 -21.83
CA GLN B 212 1.77 22.90 -22.69
C GLN B 212 0.57 23.47 -21.97
N VAL B 213 0.05 22.77 -20.98
N VAL B 213 0.02 22.77 -20.99
CA VAL B 213 -1.15 23.17 -20.24
CA VAL B 213 -1.17 23.23 -20.28
C VAL B 213 -0.74 23.96 -19.01
C VAL B 213 -0.76 23.97 -19.03
N GLN B 214 -1.63 24.86 -18.57
CA GLN B 214 -1.40 25.63 -17.35
C GLN B 214 -1.78 24.81 -16.11
N PRO B 215 -1.15 25.09 -14.96
CA PRO B 215 -0.16 26.16 -14.74
C PRO B 215 1.31 25.80 -15.03
N PHE B 216 1.64 24.55 -15.34
CA PHE B 216 3.04 24.21 -15.52
C PHE B 216 3.66 24.96 -16.70
N ALA B 217 2.89 25.24 -17.74
CA ALA B 217 3.43 25.93 -18.90
C ALA B 217 4.13 27.23 -18.51
N SER B 218 3.51 28.03 -17.66
CA SER B 218 4.13 29.26 -17.16
C SER B 218 5.02 29.04 -15.94
N LEU B 219 4.73 28.02 -15.13
CA LEU B 219 5.44 27.86 -13.87
C LEU B 219 6.90 27.47 -14.09
N ILE B 220 7.19 26.78 -15.18
CA ILE B 220 8.53 26.23 -15.39
C ILE B 220 9.57 27.34 -15.37
N SER B 221 9.23 28.51 -15.92
CA SER B 221 10.17 29.60 -16.05
C SER B 221 10.28 30.45 -14.79
N LYS B 222 9.57 30.13 -13.72
CA LYS B 222 9.59 30.94 -12.51
C LYS B 222 10.59 30.45 -11.48
N ALA B 223 11.34 29.40 -11.79
CA ALA B 223 12.39 28.95 -10.90
C ALA B 223 13.49 30.00 -10.84
N PRO B 224 14.27 30.04 -9.76
CA PRO B 224 15.43 30.94 -9.72
C PRO B 224 16.36 30.68 -10.89
N LEU B 225 17.04 31.74 -11.32
CA LEU B 225 17.82 31.68 -12.55
C LEU B 225 18.94 30.64 -12.47
N SER B 226 19.43 30.33 -11.28
CA SER B 226 20.52 29.38 -11.12
C SER B 226 20.03 27.97 -10.86
N THR B 227 18.75 27.77 -10.58
CA THR B 227 18.23 26.46 -10.25
C THR B 227 18.27 25.55 -11.49
N PRO B 228 19.05 24.47 -11.46
CA PRO B 228 19.00 23.51 -12.58
C PRO B 228 17.63 22.87 -12.74
N ARG B 229 17.34 22.44 -13.97
CA ARG B 229 16.05 21.86 -14.32
C ARG B 229 16.26 20.65 -15.22
N LEU B 230 15.88 19.47 -14.72
CA LEU B 230 16.01 18.21 -15.44
C LEU B 230 14.64 17.80 -15.95
N LEU B 231 14.53 17.60 -17.26
CA LEU B 231 13.31 17.11 -17.88
C LEU B 231 13.48 15.62 -18.21
N ILE B 232 12.61 14.78 -17.66
CA ILE B 232 12.50 13.37 -18.02
C ILE B 232 11.16 13.20 -18.70
N ASN B 233 11.19 12.93 -20.01
CA ASN B 233 9.97 13.05 -20.79
C ASN B 233 10.22 12.38 -22.13
N LYS B 234 9.13 12.01 -22.80
CA LYS B 234 9.25 11.40 -24.12
C LYS B 234 9.76 12.39 -25.16
N GLU B 235 9.61 13.69 -24.91
CA GLU B 235 10.02 14.70 -25.88
C GLU B 235 10.49 15.94 -25.12
N LYS B 236 11.28 16.76 -25.80
CA LYS B 236 11.67 18.04 -25.23
C LYS B 236 10.43 18.94 -25.09
N ALA B 237 10.49 19.87 -24.14
CA ALA B 237 9.32 20.68 -23.79
C ALA B 237 9.76 21.89 -23.00
N GLY B 238 8.85 22.87 -22.91
CA GLY B 238 9.12 24.10 -22.18
C GLY B 238 10.08 25.05 -22.84
N GLN B 239 10.47 24.81 -24.09
CA GLN B 239 11.40 25.69 -24.78
C GLN B 239 10.73 26.95 -25.32
N SER B 240 9.43 26.86 -25.60
CA SER B 240 8.66 27.97 -26.13
C SER B 240 7.97 28.72 -25.00
N ASP B 241 7.76 30.03 -25.22
CA ASP B 241 6.92 30.79 -24.31
C ASP B 241 5.46 30.40 -24.54
N PRO B 242 4.67 30.21 -23.47
CA PRO B 242 3.28 29.77 -23.65
C PRO B 242 2.47 30.61 -24.62
N PHE B 243 2.75 31.91 -24.72
N PHE B 243 2.69 31.92 -24.70
CA PHE B 243 1.99 32.81 -25.56
CA PHE B 243 1.98 32.69 -25.70
C PHE B 243 2.76 33.33 -26.77
C PHE B 243 2.84 33.08 -26.89
N LEU B 244 4.09 33.48 -26.66
CA LEU B 244 4.88 34.08 -27.73
C LEU B 244 5.60 33.06 -28.59
N GLY B 245 5.52 31.77 -28.28
CA GLY B 245 6.23 30.75 -29.06
C GLY B 245 7.73 30.75 -28.80
N MET B 246 8.49 30.41 -29.84
CA MET B 246 9.93 30.26 -29.71
C MET B 246 10.59 31.64 -29.76
N ILE B 247 11.22 32.04 -28.65
CA ILE B 247 11.94 33.32 -28.60
C ILE B 247 13.27 33.06 -27.91
N MET B 248 14.03 32.12 -28.46
CA MET B 248 15.34 31.68 -27.96
C MET B 248 15.44 31.68 -26.43
N GLY B 249 14.40 31.19 -25.76
CA GLY B 249 14.44 30.96 -24.33
C GLY B 249 14.34 32.18 -23.44
N LEU B 250 14.13 33.38 -24.00
CA LEU B 250 14.08 34.58 -23.18
C LEU B 250 12.97 34.45 -22.14
N GLY B 251 13.23 34.96 -20.93
CA GLY B 251 12.23 34.91 -19.89
C GLY B 251 12.13 33.58 -19.17
N GLY B 252 13.17 32.77 -19.21
CA GLY B 252 13.23 31.57 -18.39
C GLY B 252 12.80 30.28 -19.04
N GLY B 253 12.68 30.24 -20.37
CA GLY B 253 12.33 28.99 -21.01
C GLY B 253 13.41 27.94 -20.86
N MET B 254 13.00 26.69 -21.02
CA MET B 254 13.95 25.58 -21.08
C MET B 254 14.90 25.78 -22.25
N ASP B 255 16.20 25.73 -21.97
CA ASP B 255 17.24 25.88 -22.99
C ASP B 255 18.23 24.74 -22.80
N PHE B 256 18.09 23.70 -23.63
CA PHE B 256 18.95 22.52 -23.56
C PHE B 256 20.13 22.58 -24.52
N ASP B 257 19.96 23.24 -25.67
CA ASP B 257 20.83 23.05 -26.82
C ASP B 257 21.50 24.29 -27.34
N SER B 258 21.06 25.48 -26.97
CA SER B 258 21.59 26.69 -27.59
C SER B 258 23.00 26.96 -27.09
N LYS B 259 23.68 27.92 -27.74
CA LYS B 259 24.99 28.33 -27.26
C LYS B 259 24.93 28.97 -25.88
N LYS B 260 23.73 29.33 -25.41
CA LYS B 260 23.56 29.94 -24.09
C LYS B 260 23.07 28.96 -23.03
N ALA B 261 22.92 27.67 -23.34
CA ALA B 261 22.44 26.72 -22.35
C ALA B 261 23.43 26.62 -21.19
N TYR B 262 22.91 26.55 -19.96
CA TYR B 262 23.79 26.50 -18.80
C TYR B 262 23.26 25.67 -17.64
N ARG B 263 21.98 25.26 -17.66
CA ARG B 263 21.38 24.65 -16.47
C ARG B 263 20.27 23.63 -16.74
N ASP B 264 19.83 23.48 -17.99
CA ASP B 264 18.68 22.63 -18.32
C ASP B 264 19.17 21.35 -18.99
N VAL B 265 18.56 20.23 -18.62
CA VAL B 265 18.99 18.91 -19.08
C VAL B 265 17.74 18.14 -19.50
N ALA B 266 17.78 17.53 -20.68
CA ALA B 266 16.71 16.67 -21.16
C ALA B 266 17.18 15.23 -21.25
N TRP B 267 16.42 14.33 -20.64
CA TRP B 267 16.61 12.89 -20.74
C TRP B 267 15.35 12.34 -21.38
N LEU B 268 15.46 11.89 -22.63
CA LEU B 268 14.28 11.53 -23.39
C LEU B 268 14.04 10.03 -23.29
N GLY B 269 12.85 9.68 -22.85
CA GLY B 269 12.47 8.28 -22.71
C GLY B 269 11.34 8.18 -21.70
N GLU B 270 11.06 6.94 -21.31
CA GLU B 270 10.03 6.70 -20.33
C GLU B 270 10.47 7.19 -18.96
N CYS B 271 9.48 7.67 -18.18
CA CYS B 271 9.78 8.21 -16.86
C CYS B 271 10.35 7.16 -15.93
N ASP B 272 9.84 5.92 -15.98
CA ASP B 272 10.38 4.89 -15.11
C ASP B 272 11.87 4.69 -15.35
N GLN B 273 12.27 4.58 -16.62
CA GLN B 273 13.67 4.29 -16.93
C GLN B 273 14.58 5.43 -16.55
N GLY B 274 14.10 6.68 -16.68
CA GLY B 274 14.91 7.80 -16.25
C GLY B 274 15.14 7.82 -14.76
N CYS B 275 14.09 7.53 -13.98
CA CYS B 275 14.25 7.51 -12.53
C CYS B 275 15.17 6.37 -12.10
N LEU B 276 15.10 5.21 -12.75
CA LEU B 276 16.02 4.13 -12.43
C LEU B 276 17.45 4.53 -12.77
N ALA B 277 17.66 5.13 -13.94
CA ALA B 277 19.00 5.57 -14.32
C ALA B 277 19.53 6.59 -13.32
N LEU B 278 18.70 7.56 -12.96
CA LEU B 278 19.13 8.57 -11.99
C LEU B 278 19.38 7.94 -10.63
N ALA B 279 18.49 7.05 -10.19
CA ALA B 279 18.67 6.38 -8.90
C ALA B 279 19.97 5.58 -8.89
N GLU B 280 20.34 4.99 -10.03
CA GLU B 280 21.59 4.24 -10.08
C GLU B 280 22.78 5.17 -9.91
N LEU B 281 22.78 6.31 -10.60
CA LEU B 281 23.90 7.23 -10.44
C LEU B 281 24.04 7.70 -9.01
N LEU B 282 22.94 7.76 -8.26
CA LEU B 282 22.96 8.19 -6.87
C LEU B 282 23.27 7.07 -5.90
N GLY B 283 23.33 5.82 -6.36
CA GLY B 283 23.46 4.68 -5.47
C GLY B 283 22.17 4.24 -4.82
N TRP B 284 21.02 4.58 -5.40
CA TRP B 284 19.73 4.32 -4.79
C TRP B 284 18.93 3.25 -5.50
N LYS B 285 19.48 2.61 -6.53
CA LYS B 285 18.64 1.78 -7.38
C LYS B 285 18.09 0.58 -6.62
N LYS B 286 18.95 -0.13 -5.87
CA LYS B 286 18.47 -1.29 -5.13
C LYS B 286 17.40 -0.89 -4.13
N GLU B 287 17.61 0.23 -3.42
CA GLU B 287 16.62 0.70 -2.46
C GLU B 287 15.31 1.02 -3.16
N LEU B 288 15.38 1.65 -4.33
CA LEU B 288 14.17 1.98 -5.09
C LEU B 288 13.46 0.71 -5.57
N GLU B 289 14.20 -0.23 -6.15
CA GLU B 289 13.60 -1.47 -6.63
C GLU B 289 13.01 -2.30 -5.48
N ASP B 290 13.66 -2.31 -4.32
CA ASP B 290 13.09 -2.98 -3.15
C ASP B 290 11.78 -2.35 -2.73
N LEU B 291 11.74 -1.02 -2.64
CA LEU B 291 10.51 -0.31 -2.26
C LEU B 291 9.38 -0.63 -3.24
N VAL B 292 9.67 -0.59 -4.54
CA VAL B 292 8.64 -0.82 -5.54
C VAL B 292 8.11 -2.24 -5.43
N ARG B 293 9.00 -3.21 -5.21
CA ARG B 293 8.59 -4.60 -5.10
C ARG B 293 7.67 -4.79 -3.90
N ARG B 294 8.08 -4.26 -2.74
CA ARG B 294 7.26 -4.40 -1.54
C ARG B 294 5.89 -3.75 -1.74
N GLU B 295 5.87 -2.50 -2.20
CA GLU B 295 4.61 -1.78 -2.30
C GLU B 295 3.71 -2.34 -3.40
N HIS B 296 4.30 -2.79 -4.51
CA HIS B 296 3.49 -3.48 -5.52
C HIS B 296 2.90 -4.76 -4.96
N ALA B 297 3.68 -5.53 -4.18
CA ALA B 297 3.17 -6.76 -3.60
C ALA B 297 1.98 -6.47 -2.69
N SER B 298 2.07 -5.42 -1.87
CA SER B 298 0.98 -5.04 -0.98
C SER B 298 -0.32 -4.80 -1.76
N ILE B 299 -0.22 -4.16 -2.92
CA ILE B 299 -1.39 -3.91 -3.74
C ILE B 299 -1.82 -5.17 -4.48
N ASP B 300 -0.85 -5.91 -5.04
CA ASP B 300 -1.17 -7.18 -5.70
C ASP B 300 -1.84 -8.16 -4.73
N ALA B 301 -1.56 -8.05 -3.42
CA ALA B 301 -2.19 -8.92 -2.45
C ALA B 301 -3.71 -8.78 -2.42
N GLN B 302 -4.25 -7.72 -3.02
CA GLN B 302 -5.70 -7.56 -3.07
C GLN B 302 -6.34 -8.16 -4.32
N SER B 303 -5.55 -8.76 -5.20
CA SER B 303 -6.06 -9.30 -6.47
C SER B 303 -5.59 -10.72 -6.72
#